data_3FBD
#
_entry.id   3FBD
#
_cell.length_a   60.587
_cell.length_b   49.423
_cell.length_c   92.400
_cell.angle_alpha   90.00
_cell.angle_beta   102.64
_cell.angle_gamma   90.00
#
_symmetry.space_group_name_H-M   'P 1 21 1'
#
loop_
_entity.id
_entity.type
_entity.pdbx_description
1 polymer Colicin-E7
2 polymer "5'-D(*DGP*DGP*DAP*DAP*DTP*DTP*DCP*DGP*DAP*DTP*DCP*DGP*DAP*DAP*DTP*DTP*DCP*DC)-3'"
3 water water
#
loop_
_entity_poly.entity_id
_entity_poly.type
_entity_poly.pdbx_seq_one_letter_code
_entity_poly.pdbx_strand_id
1 'polypeptide(L)'
;SKRNKPGKATGKGKPVNNKWLNNAGKDLGSPVPDRIANKLRDKEFKSFQDFRKKFWEEVSKDPELSKQFSRNNNDRMKVG
KAPKTRTQDVSGKRTSFELHHEKPISQNGGVYDMDNISVVTPKRHIDIHRGK
;
A,D
2 'polydeoxyribonucleotide' (DG)(DG)(DA)(DA)(DT)(DT)(DC)(DG)(DA)(DT)(DC)(DG)(DA)(DA)(DT)(DT)(DC)(DC) B,C,E,F
#
loop_
_chem_comp.id
_chem_comp.type
_chem_comp.name
_chem_comp.formula
DA DNA linking 2'-DEOXYADENOSINE-5'-MONOPHOSPHATE 'C10 H14 N5 O6 P'
DC DNA linking 2'-DEOXYCYTIDINE-5'-MONOPHOSPHATE 'C9 H14 N3 O7 P'
DG DNA linking 2'-DEOXYGUANOSINE-5'-MONOPHOSPHATE 'C10 H14 N5 O7 P'
DT DNA linking THYMIDINE-5'-MONOPHOSPHATE 'C10 H15 N2 O8 P'
#
# COMPACT_ATOMS: atom_id res chain seq x y z
N SER A 1 14.04 -27.65 -12.73
CA SER A 1 14.70 -27.84 -11.41
C SER A 1 15.20 -29.26 -11.05
N LYS A 2 14.41 -30.02 -10.28
CA LYS A 2 14.87 -31.35 -9.85
C LYS A 2 14.30 -32.61 -10.52
N ARG A 3 12.98 -32.67 -10.69
CA ARG A 3 12.33 -33.81 -11.30
C ARG A 3 12.52 -33.83 -12.82
N ASN A 4 13.37 -32.91 -13.31
CA ASN A 4 13.67 -32.80 -14.73
C ASN A 4 15.09 -33.31 -15.01
N LYS A 5 15.99 -33.16 -14.05
CA LYS A 5 17.36 -33.64 -14.23
C LYS A 5 17.40 -35.15 -13.97
N PRO A 6 18.23 -35.88 -14.71
CA PRO A 6 18.35 -37.34 -14.58
C PRO A 6 18.57 -37.92 -13.16
N GLY A 7 18.36 -39.23 -13.02
CA GLY A 7 18.51 -39.91 -11.74
C GLY A 7 18.54 -41.44 -11.85
N LYS A 8 18.54 -42.13 -10.72
CA LYS A 8 18.58 -43.58 -10.71
C LYS A 8 17.45 -44.21 -9.86
N ALA A 9 16.82 -45.24 -10.38
CA ALA A 9 15.74 -45.87 -9.66
C ALA A 9 16.23 -46.60 -8.41
N THR A 10 15.59 -46.30 -7.28
CA THR A 10 15.93 -46.92 -6.01
C THR A 10 14.72 -47.14 -5.08
N GLY A 11 14.77 -48.24 -4.34
CA GLY A 11 13.68 -48.54 -3.44
C GLY A 11 13.27 -50.01 -3.45
N LYS A 12 12.61 -50.40 -2.36
CA LYS A 12 12.16 -51.77 -2.16
C LYS A 12 10.76 -52.05 -2.74
N GLY A 13 9.83 -51.15 -2.48
CA GLY A 13 8.47 -51.35 -2.94
C GLY A 13 7.70 -51.99 -1.81
N LYS A 14 6.47 -52.42 -2.07
CA LYS A 14 5.64 -53.05 -1.06
C LYS A 14 4.80 -54.13 -1.67
N PRO A 15 4.41 -55.11 -0.85
CA PRO A 15 3.60 -56.21 -1.35
C PRO A 15 2.20 -55.64 -1.63
N VAL A 16 1.57 -56.05 -2.74
CA VAL A 16 0.25 -55.51 -3.05
C VAL A 16 -0.89 -56.45 -3.46
N ASN A 17 -2.09 -55.94 -3.18
CA ASN A 17 -3.40 -56.53 -3.40
C ASN A 17 -3.75 -56.85 -4.84
N ASN A 18 -5.01 -57.25 -5.03
CA ASN A 18 -5.57 -57.55 -6.34
C ASN A 18 -6.54 -56.37 -6.54
N LYS A 19 -6.51 -55.45 -5.58
CA LYS A 19 -7.32 -54.23 -5.59
C LYS A 19 -6.33 -53.17 -5.13
N TRP A 20 -5.28 -53.00 -5.94
CA TRP A 20 -4.19 -52.09 -5.71
C TRP A 20 -4.61 -50.64 -5.50
N LEU A 21 -4.84 -49.93 -6.59
CA LEU A 21 -5.22 -48.52 -6.54
C LEU A 21 -6.53 -48.27 -5.87
N ASN A 22 -7.22 -49.34 -5.51
CA ASN A 22 -8.49 -49.23 -4.84
C ASN A 22 -8.46 -48.20 -3.69
N ASN A 23 -7.31 -47.98 -3.07
CA ASN A 23 -7.25 -47.03 -1.97
C ASN A 23 -6.26 -45.91 -2.24
N ALA A 24 -6.31 -45.40 -3.46
CA ALA A 24 -5.43 -44.33 -3.88
C ALA A 24 -6.03 -42.97 -3.57
N GLY A 25 -7.24 -42.94 -3.04
CA GLY A 25 -7.87 -41.68 -2.72
C GLY A 25 -7.89 -41.48 -1.23
N LYS A 26 -7.09 -42.26 -0.52
CA LYS A 26 -7.04 -42.16 0.94
C LYS A 26 -5.62 -42.00 1.44
N ASP A 27 -5.47 -41.06 2.35
CA ASP A 27 -4.18 -40.76 2.95
C ASP A 27 -3.15 -40.50 1.87
N LEU A 28 -2.15 -41.37 1.77
CA LEU A 28 -1.12 -41.19 0.78
C LEU A 28 -1.18 -42.14 -0.38
N GLY A 29 -2.39 -42.59 -0.70
CA GLY A 29 -2.55 -43.47 -1.83
C GLY A 29 -1.97 -44.86 -1.72
N SER A 30 -1.79 -45.48 -2.87
CA SER A 30 -1.28 -46.83 -2.98
C SER A 30 0.21 -46.79 -3.24
N PRO A 31 0.99 -47.65 -2.55
CA PRO A 31 2.44 -47.72 -2.70
C PRO A 31 2.85 -48.31 -4.04
N VAL A 32 4.15 -48.36 -4.30
CA VAL A 32 4.65 -48.90 -5.56
C VAL A 32 4.85 -50.40 -5.38
N PRO A 33 4.16 -51.23 -6.18
CA PRO A 33 4.29 -52.69 -6.08
C PRO A 33 5.75 -53.14 -6.03
N ASP A 34 6.11 -53.94 -5.02
CA ASP A 34 7.48 -54.42 -4.91
C ASP A 34 7.85 -55.15 -6.19
N ARG A 35 6.90 -55.89 -6.74
CA ARG A 35 7.12 -56.63 -7.96
C ARG A 35 7.57 -55.67 -9.07
N ILE A 36 7.11 -54.44 -9.02
CA ILE A 36 7.46 -53.44 -10.02
C ILE A 36 8.72 -52.68 -9.63
N ALA A 37 8.87 -52.51 -8.32
CA ALA A 37 10.03 -51.85 -7.78
C ALA A 37 11.26 -52.69 -8.18
N ASN A 38 11.10 -54.00 -8.23
CA ASN A 38 12.21 -54.86 -8.61
C ASN A 38 12.63 -54.64 -10.04
N LYS A 39 11.66 -54.57 -10.94
CA LYS A 39 11.92 -54.40 -12.36
C LYS A 39 12.61 -53.08 -12.74
N LEU A 40 12.15 -52.00 -12.12
CA LEU A 40 12.67 -50.66 -12.37
C LEU A 40 13.95 -50.36 -11.61
N ARG A 41 14.13 -50.99 -10.46
CA ARG A 41 15.31 -50.74 -9.64
C ARG A 41 16.57 -50.80 -10.47
N ASP A 42 17.55 -49.94 -10.13
CA ASP A 42 18.85 -49.85 -10.83
C ASP A 42 18.76 -49.54 -12.31
N LYS A 43 17.79 -48.73 -12.69
CA LYS A 43 17.64 -48.35 -14.07
C LYS A 43 17.93 -46.86 -14.05
N GLU A 44 18.42 -46.35 -15.17
CA GLU A 44 18.75 -44.92 -15.28
C GLU A 44 17.58 -44.17 -15.94
N PHE A 45 17.22 -43.01 -15.40
CA PHE A 45 16.14 -42.20 -15.95
C PHE A 45 16.54 -40.78 -16.24
N LYS A 46 16.17 -40.27 -17.40
CA LYS A 46 16.51 -38.91 -17.78
C LYS A 46 15.75 -37.90 -16.94
N SER A 47 14.49 -38.16 -16.67
CA SER A 47 13.69 -37.25 -15.88
C SER A 47 12.60 -38.06 -15.22
N PHE A 48 11.89 -37.43 -14.28
CA PHE A 48 10.82 -38.14 -13.60
C PHE A 48 9.77 -38.50 -14.61
N GLN A 49 9.62 -37.65 -15.63
CA GLN A 49 8.66 -37.92 -16.66
C GLN A 49 8.99 -39.26 -17.29
N ASP A 50 10.29 -39.49 -17.52
CA ASP A 50 10.77 -40.74 -18.09
C ASP A 50 10.39 -41.87 -17.16
N PHE A 51 10.62 -41.66 -15.87
CA PHE A 51 10.29 -42.69 -14.89
C PHE A 51 8.80 -43.02 -14.90
N ARG A 52 7.95 -41.98 -14.92
CA ARG A 52 6.50 -42.19 -14.94
C ARG A 52 6.09 -43.10 -16.08
N LYS A 53 6.38 -42.72 -17.31
CA LYS A 53 5.96 -43.55 -18.42
C LYS A 53 6.53 -44.99 -18.32
N LYS A 54 7.75 -45.13 -17.82
CA LYS A 54 8.36 -46.44 -17.67
C LYS A 54 7.59 -47.19 -16.61
N PHE A 55 7.20 -46.46 -15.57
CA PHE A 55 6.48 -47.01 -14.46
C PHE A 55 5.16 -47.68 -14.91
N TRP A 56 4.28 -46.90 -15.52
CA TRP A 56 3.05 -47.47 -15.95
C TRP A 56 3.28 -48.53 -16.96
N GLU A 57 4.33 -48.41 -17.77
CA GLU A 57 4.60 -49.41 -18.80
C GLU A 57 4.94 -50.75 -18.18
N GLU A 58 5.51 -50.72 -16.97
CA GLU A 58 5.84 -51.96 -16.25
C GLU A 58 4.52 -52.55 -15.71
N VAL A 59 3.66 -51.69 -15.19
CA VAL A 59 2.39 -52.16 -14.72
C VAL A 59 1.72 -52.97 -15.84
N SER A 60 1.67 -52.45 -17.05
CA SER A 60 1.01 -53.21 -18.11
C SER A 60 1.73 -54.55 -18.40
N LYS A 61 3.01 -54.63 -18.09
CA LYS A 61 3.75 -55.88 -18.31
C LYS A 61 3.49 -56.87 -17.16
N ASP A 62 2.75 -56.46 -16.14
CA ASP A 62 2.46 -57.32 -14.98
C ASP A 62 1.09 -58.04 -15.05
N PRO A 63 1.12 -59.38 -15.15
CA PRO A 63 -0.13 -60.16 -15.23
C PRO A 63 -1.10 -59.82 -14.10
N GLU A 64 -0.60 -59.91 -12.87
CA GLU A 64 -1.41 -59.63 -11.69
C GLU A 64 -2.02 -58.25 -11.59
N LEU A 65 -1.23 -57.23 -11.94
CA LEU A 65 -1.69 -55.85 -11.87
C LEU A 65 -2.55 -55.38 -13.04
N SER A 66 -2.10 -55.69 -14.26
CA SER A 66 -2.80 -55.26 -15.47
C SER A 66 -4.19 -55.83 -15.62
N LYS A 67 -4.47 -56.89 -14.87
CA LYS A 67 -5.75 -57.55 -14.88
C LYS A 67 -6.76 -56.76 -14.09
N GLN A 68 -6.28 -55.96 -13.16
CA GLN A 68 -7.22 -55.17 -12.38
C GLN A 68 -7.78 -53.98 -13.18
N PHE A 69 -7.10 -53.65 -14.27
CA PHE A 69 -7.47 -52.54 -15.13
C PHE A 69 -8.25 -52.91 -16.37
N SER A 70 -9.09 -51.97 -16.83
CA SER A 70 -9.90 -52.19 -18.04
C SER A 70 -9.01 -52.26 -19.25
N ARG A 71 -9.47 -52.98 -20.25
CA ARG A 71 -8.72 -53.12 -21.49
C ARG A 71 -8.31 -51.71 -21.90
N ASN A 72 -9.22 -50.75 -21.74
CA ASN A 72 -8.91 -49.38 -22.11
C ASN A 72 -7.69 -48.83 -21.42
N ASN A 73 -7.71 -48.88 -20.09
CA ASN A 73 -6.59 -48.36 -19.34
C ASN A 73 -5.28 -49.08 -19.61
N ASN A 74 -5.35 -50.36 -19.95
CA ASN A 74 -4.15 -51.13 -20.23
C ASN A 74 -3.46 -50.63 -21.47
N ASP A 75 -4.28 -50.20 -22.42
CA ASP A 75 -3.81 -49.65 -23.69
C ASP A 75 -2.99 -48.38 -23.46
N ARG A 76 -3.37 -47.59 -22.45
CA ARG A 76 -2.68 -46.35 -22.13
C ARG A 76 -1.38 -46.62 -21.40
N MET A 77 -1.42 -47.53 -20.44
CA MET A 77 -0.21 -47.82 -19.70
C MET A 77 0.86 -48.46 -20.57
N LYS A 78 0.44 -49.13 -21.64
CA LYS A 78 1.37 -49.79 -22.54
C LYS A 78 2.20 -48.74 -23.25
N VAL A 79 1.74 -47.51 -23.21
CA VAL A 79 2.47 -46.48 -23.91
C VAL A 79 2.94 -45.40 -23.00
N GLY A 80 2.87 -45.65 -21.70
CA GLY A 80 3.36 -44.68 -20.75
C GLY A 80 2.36 -43.73 -20.15
N LYS A 81 1.15 -43.71 -20.70
CA LYS A 81 0.10 -42.83 -20.19
C LYS A 81 -0.48 -43.41 -18.89
N ALA A 82 -0.88 -42.55 -17.97
CA ALA A 82 -1.44 -43.06 -16.74
C ALA A 82 -2.85 -43.60 -16.98
N PRO A 83 -3.31 -44.45 -16.05
CA PRO A 83 -4.64 -45.06 -16.07
C PRO A 83 -5.59 -43.93 -15.77
N LYS A 84 -6.84 -44.15 -16.16
CA LYS A 84 -7.90 -43.20 -15.97
C LYS A 84 -8.53 -43.52 -14.63
N THR A 85 -8.64 -42.52 -13.77
CA THR A 85 -9.22 -42.69 -12.45
C THR A 85 -10.75 -42.75 -12.55
N ARG A 86 -11.43 -43.12 -11.45
CA ARG A 86 -12.90 -43.17 -11.41
C ARG A 86 -13.38 -41.73 -11.42
N THR A 87 -14.53 -41.47 -12.04
CA THR A 87 -15.01 -40.10 -12.10
C THR A 87 -15.10 -39.41 -10.77
N GLN A 88 -15.66 -40.09 -9.78
CA GLN A 88 -15.78 -39.46 -8.47
C GLN A 88 -14.42 -39.23 -7.89
N ASP A 89 -13.38 -39.53 -8.66
CA ASP A 89 -12.02 -39.38 -8.15
C ASP A 89 -11.20 -38.37 -8.92
N VAL A 90 -11.81 -37.73 -9.89
CA VAL A 90 -11.12 -36.75 -10.74
C VAL A 90 -11.21 -35.33 -10.19
N SER A 91 -10.36 -34.45 -10.68
CA SER A 91 -10.38 -33.07 -10.23
C SER A 91 -10.31 -32.15 -11.47
N GLY A 92 -11.47 -31.78 -12.00
CA GLY A 92 -11.48 -30.94 -13.18
C GLY A 92 -10.95 -31.78 -14.32
N LYS A 93 -10.19 -31.15 -15.22
CA LYS A 93 -9.61 -31.80 -16.39
C LYS A 93 -8.44 -32.77 -16.08
N ARG A 94 -8.09 -32.86 -14.79
CA ARG A 94 -7.02 -33.72 -14.27
C ARG A 94 -7.72 -35.01 -14.01
N THR A 95 -7.51 -35.99 -14.86
CA THR A 95 -8.28 -37.20 -14.71
C THR A 95 -7.53 -38.49 -14.59
N SER A 96 -6.22 -38.40 -14.80
CA SER A 96 -5.39 -39.60 -14.71
C SER A 96 -4.76 -39.72 -13.34
N PHE A 97 -4.52 -40.94 -12.90
CA PHE A 97 -3.86 -41.19 -11.62
C PHE A 97 -2.54 -40.41 -11.54
N GLU A 98 -2.22 -39.92 -10.36
CA GLU A 98 -1.00 -39.14 -10.19
C GLU A 98 -0.02 -39.82 -9.21
N LEU A 99 1.28 -39.60 -9.45
CA LEU A 99 2.36 -40.16 -8.62
C LEU A 99 2.79 -39.06 -7.68
N HIS A 100 2.65 -39.29 -6.38
CA HIS A 100 3.00 -38.29 -5.36
C HIS A 100 4.24 -38.59 -4.55
N HIS A 101 5.17 -37.64 -4.50
CA HIS A 101 6.39 -37.84 -3.69
C HIS A 101 6.05 -37.53 -2.22
N GLU A 102 6.02 -38.58 -1.38
CA GLU A 102 5.69 -38.43 0.04
C GLU A 102 6.45 -37.30 0.68
N LYS A 103 7.75 -37.27 0.49
CA LYS A 103 8.51 -36.18 1.04
C LYS A 103 8.82 -35.25 -0.15
N PRO A 104 8.11 -34.12 -0.24
CA PRO A 104 8.27 -33.13 -1.31
C PRO A 104 9.67 -33.03 -1.86
N ILE A 105 9.76 -32.67 -3.13
CA ILE A 105 11.04 -32.52 -3.79
C ILE A 105 11.66 -31.20 -3.39
N SER A 106 10.84 -30.17 -3.23
CA SER A 106 11.34 -28.85 -2.81
C SER A 106 11.85 -28.91 -1.37
N GLN A 107 11.90 -30.12 -0.82
CA GLN A 107 12.34 -30.36 0.55
C GLN A 107 13.29 -31.56 0.58
N ASN A 108 14.12 -31.68 -0.45
CA ASN A 108 15.07 -32.78 -0.59
C ASN A 108 14.34 -34.12 -0.56
N GLY A 109 13.51 -34.39 -1.58
CA GLY A 109 12.80 -35.64 -1.60
C GLY A 109 13.30 -36.56 -2.69
N GLY A 110 13.55 -37.82 -2.37
CA GLY A 110 14.02 -38.73 -3.40
C GLY A 110 13.12 -38.66 -4.62
N VAL A 111 13.62 -38.11 -5.71
CA VAL A 111 12.83 -38.02 -6.93
C VAL A 111 12.51 -39.43 -7.46
N TYR A 112 13.52 -40.27 -7.48
CA TYR A 112 13.36 -41.63 -7.97
C TYR A 112 13.44 -42.66 -6.86
N ASP A 113 13.07 -42.25 -5.67
CA ASP A 113 13.08 -43.16 -4.53
C ASP A 113 11.72 -43.88 -4.41
N MET A 114 11.58 -45.01 -5.08
CA MET A 114 10.31 -45.75 -5.06
C MET A 114 9.70 -45.97 -3.68
N ASP A 115 10.42 -45.63 -2.62
CA ASP A 115 9.86 -45.80 -1.29
C ASP A 115 9.24 -44.46 -0.86
N ASN A 116 9.47 -43.43 -1.68
CA ASN A 116 8.94 -42.10 -1.44
C ASN A 116 7.82 -41.83 -2.50
N ILE A 117 7.69 -42.75 -3.46
CA ILE A 117 6.70 -42.62 -4.51
C ILE A 117 5.40 -43.38 -4.17
N SER A 118 4.27 -42.80 -4.57
CA SER A 118 2.93 -43.37 -4.29
C SER A 118 1.95 -43.00 -5.40
N VAL A 119 0.88 -43.79 -5.53
CA VAL A 119 -0.10 -43.52 -6.58
C VAL A 119 -1.38 -42.96 -5.95
N VAL A 120 -1.82 -41.82 -6.45
CA VAL A 120 -3.01 -41.18 -5.91
C VAL A 120 -4.02 -40.73 -7.00
N THR A 121 -5.16 -40.19 -6.56
CA THR A 121 -6.19 -39.68 -7.44
C THR A 121 -6.08 -38.18 -7.45
N PRO A 122 -6.35 -37.53 -8.58
CA PRO A 122 -6.25 -36.07 -8.59
C PRO A 122 -7.00 -35.45 -7.39
N LYS A 123 -8.24 -35.86 -7.19
CA LYS A 123 -9.05 -35.34 -6.09
C LYS A 123 -8.27 -35.37 -4.78
N ARG A 124 -7.75 -36.53 -4.45
CA ARG A 124 -7.00 -36.70 -3.21
C ARG A 124 -5.70 -35.95 -3.23
N HIS A 125 -5.04 -36.00 -4.37
CA HIS A 125 -3.77 -35.33 -4.51
C HIS A 125 -3.82 -33.85 -4.11
N ILE A 126 -4.94 -33.21 -4.43
CA ILE A 126 -5.14 -31.81 -4.13
C ILE A 126 -5.28 -31.58 -2.66
N ASP A 127 -6.08 -32.41 -1.99
CA ASP A 127 -6.22 -32.24 -0.57
C ASP A 127 -4.91 -32.41 0.18
N ILE A 128 -3.95 -33.11 -0.44
CA ILE A 128 -2.64 -33.27 0.18
C ILE A 128 -1.89 -31.93 0.19
N HIS A 129 -1.97 -31.15 -0.90
CA HIS A 129 -1.28 -29.86 -0.95
C HIS A 129 -2.00 -28.75 -0.19
N ARG A 130 -2.70 -29.15 0.86
CA ARG A 130 -3.39 -28.19 1.71
C ARG A 130 -3.85 -28.85 3.02
N GLY A 131 -2.98 -29.72 3.55
CA GLY A 131 -3.21 -30.40 4.82
C GLY A 131 -4.40 -31.31 5.03
N LYS A 132 -5.53 -30.99 4.39
CA LYS A 132 -6.75 -31.78 4.54
C LYS A 132 -6.59 -33.25 4.05
N LYS D 2 1.98 29.00 18.27
CA LYS D 2 2.79 29.86 19.19
C LYS D 2 2.35 31.33 19.10
N ARG D 3 1.35 31.59 18.28
CA ARG D 3 0.86 32.94 18.13
C ARG D 3 -0.13 33.16 19.24
N ASN D 4 -0.54 32.07 19.88
CA ASN D 4 -1.53 32.16 20.94
C ASN D 4 -1.00 32.41 22.35
N LYS D 5 0.31 32.59 22.51
CA LYS D 5 0.86 32.87 23.83
C LYS D 5 1.49 34.25 23.82
N PRO D 6 1.48 34.96 24.97
CA PRO D 6 2.01 36.30 25.16
C PRO D 6 3.28 36.64 24.40
N GLY D 7 3.46 37.94 24.13
CA GLY D 7 4.60 38.43 23.37
C GLY D 7 4.99 39.86 23.69
N LYS D 8 5.68 40.49 22.75
CA LYS D 8 6.17 41.86 22.95
C LYS D 8 6.53 42.40 21.56
N ALA D 9 5.76 43.37 21.09
CA ALA D 9 5.99 43.91 19.76
C ALA D 9 7.19 44.79 19.54
N THR D 10 7.70 44.72 18.32
CA THR D 10 8.86 45.49 17.92
C THR D 10 8.71 45.87 16.44
N GLY D 11 9.67 46.63 15.93
CA GLY D 11 9.66 47.06 14.54
C GLY D 11 9.51 48.55 14.34
N LYS D 12 9.90 49.03 13.15
CA LYS D 12 9.82 50.46 12.85
C LYS D 12 8.65 50.77 11.94
N GLY D 13 8.28 49.79 11.13
CA GLY D 13 7.18 49.97 10.22
C GLY D 13 7.63 50.62 8.93
N LYS D 14 6.87 51.62 8.48
CA LYS D 14 7.18 52.32 7.26
C LYS D 14 6.26 53.51 7.04
N PRO D 15 6.74 54.51 6.28
CA PRO D 15 5.95 55.70 5.99
C PRO D 15 4.84 55.27 5.03
N VAL D 16 3.63 55.80 5.26
CA VAL D 16 2.44 55.47 4.44
C VAL D 16 1.71 56.73 3.98
N ASN D 17 1.06 56.65 2.82
CA ASN D 17 0.32 57.79 2.30
C ASN D 17 -1.17 57.73 2.58
N ASN D 18 -1.93 58.35 1.69
CA ASN D 18 -3.38 58.43 1.80
C ASN D 18 -4.14 57.35 1.02
N LYS D 19 -3.44 56.29 0.62
CA LYS D 19 -4.03 55.14 -0.08
C LYS D 19 -3.23 53.93 0.40
N TRP D 20 -3.11 53.87 1.72
CA TRP D 20 -2.39 52.83 2.45
C TRP D 20 -2.61 51.39 2.01
N LEU D 21 -3.85 50.91 2.15
CA LEU D 21 -4.19 49.53 1.78
C LEU D 21 -4.59 49.31 0.34
N ASN D 22 -4.09 50.12 -0.58
CA ASN D 22 -4.43 49.84 -1.94
C ASN D 22 -3.57 48.73 -2.44
N ASN D 23 -2.31 48.74 -2.01
CA ASN D 23 -1.36 47.73 -2.43
C ASN D 23 -1.36 46.58 -1.47
N ALA D 24 -2.56 46.18 -1.00
CA ALA D 24 -2.68 45.09 -0.04
C ALA D 24 -3.07 43.80 -0.72
N GLY D 25 -3.41 43.89 -1.99
CA GLY D 25 -3.79 42.71 -2.73
C GLY D 25 -2.69 42.38 -3.72
N LYS D 26 -1.53 43.02 -3.55
CA LYS D 26 -0.42 42.74 -4.44
C LYS D 26 0.80 42.48 -3.60
N ASP D 27 1.66 41.61 -4.12
CA ASP D 27 2.89 41.26 -3.43
C ASP D 27 2.68 40.83 -1.98
N LEU D 28 3.34 41.53 -1.05
CA LEU D 28 3.23 41.19 0.35
C LEU D 28 2.36 42.18 1.10
N GLY D 29 1.55 42.90 0.34
CA GLY D 29 0.63 43.83 0.93
C GLY D 29 1.23 45.06 1.57
N SER D 30 0.36 45.80 2.24
CA SER D 30 0.73 47.03 2.88
C SER D 30 1.44 46.78 4.21
N PRO D 31 2.52 47.54 4.48
CA PRO D 31 3.29 47.39 5.72
C PRO D 31 2.62 48.04 6.92
N VAL D 32 3.23 47.82 8.08
CA VAL D 32 2.70 48.40 9.29
C VAL D 32 3.13 49.86 9.35
N PRO D 33 2.17 50.79 9.27
CA PRO D 33 2.50 52.22 9.33
C PRO D 33 3.53 52.55 10.41
N ASP D 34 4.63 53.18 10.02
CA ASP D 34 5.64 53.57 10.99
C ASP D 34 5.02 54.40 12.10
N ARG D 35 4.08 55.25 11.72
CA ARG D 35 3.38 56.12 12.64
C ARG D 35 2.58 55.27 13.62
N ILE D 36 2.11 54.12 13.19
CA ILE D 36 1.36 53.25 14.07
C ILE D 36 2.30 52.49 14.97
N ALA D 37 3.26 51.83 14.34
CA ALA D 37 4.27 51.02 15.03
C ALA D 37 4.83 51.73 16.24
N ASN D 38 5.03 53.03 16.10
CA ASN D 38 5.56 53.81 17.20
C ASN D 38 4.66 53.72 18.44
N LYS D 39 3.36 53.52 18.25
CA LYS D 39 2.44 53.45 19.39
C LYS D 39 2.40 52.07 20.04
N LEU D 40 2.52 51.04 19.22
CA LEU D 40 2.47 49.66 19.70
C LEU D 40 3.80 49.11 20.19
N ARG D 41 4.90 49.60 19.63
CA ARG D 41 6.22 49.11 20.01
C ARG D 41 6.41 48.91 21.50
N ASP D 42 7.25 47.93 21.84
CA ASP D 42 7.54 47.66 23.24
C ASP D 42 6.33 47.68 24.17
N LYS D 43 5.35 46.83 23.89
CA LYS D 43 4.16 46.74 24.74
C LYS D 43 3.87 45.27 24.85
N GLU D 44 3.34 44.86 26.00
CA GLU D 44 3.05 43.45 26.24
C GLU D 44 1.67 43.02 25.73
N PHE D 45 1.65 41.97 24.93
CA PHE D 45 0.41 41.48 24.37
C PHE D 45 0.08 40.06 24.82
N LYS D 46 -1.13 39.86 25.30
CA LYS D 46 -1.53 38.56 25.80
C LYS D 46 -1.51 37.41 24.79
N SER D 47 -1.57 37.78 23.51
CA SER D 47 -1.53 36.87 22.33
C SER D 47 -1.50 37.74 21.07
N PHE D 48 -1.60 37.09 19.91
CA PHE D 48 -1.59 37.80 18.65
C PHE D 48 -2.99 38.32 18.47
N GLN D 49 -3.97 37.55 18.92
CA GLN D 49 -5.31 38.06 18.81
C GLN D 49 -5.30 39.40 19.52
N ASP D 50 -4.72 39.43 20.72
CA ASP D 50 -4.62 40.65 21.50
C ASP D 50 -3.96 41.75 20.69
N PHE D 51 -2.94 41.39 19.94
CA PHE D 51 -2.23 42.37 19.13
C PHE D 51 -3.08 42.94 17.97
N ARG D 52 -3.71 42.06 17.20
CA ARG D 52 -4.56 42.45 16.07
C ARG D 52 -5.61 43.45 16.48
N LYS D 53 -6.32 43.14 17.56
CA LYS D 53 -7.35 44.04 18.09
C LYS D 53 -6.77 45.45 18.36
N LYS D 54 -5.67 45.50 19.12
CA LYS D 54 -5.01 46.75 19.48
C LYS D 54 -4.48 47.49 18.27
N PHE D 55 -4.12 46.72 17.25
CA PHE D 55 -3.59 47.29 16.03
C PHE D 55 -4.74 47.98 15.30
N TRP D 56 -5.77 47.22 14.95
CA TRP D 56 -6.84 47.86 14.26
C TRP D 56 -7.44 48.97 15.13
N GLU D 57 -7.38 48.85 16.44
CA GLU D 57 -7.94 49.93 17.24
C GLU D 57 -7.03 51.18 17.12
N GLU D 58 -5.75 50.97 16.83
CA GLU D 58 -4.82 52.09 16.67
C GLU D 58 -5.01 52.81 15.36
N VAL D 59 -5.43 52.05 14.37
CA VAL D 59 -5.69 52.59 13.05
C VAL D 59 -6.87 53.53 13.13
N SER D 60 -7.90 53.13 13.87
CA SER D 60 -9.06 53.97 13.99
C SER D 60 -8.77 55.24 14.78
N LYS D 61 -7.71 55.25 15.57
CA LYS D 61 -7.37 56.45 16.34
C LYS D 61 -6.59 57.44 15.47
N ASP D 62 -5.76 56.93 14.56
CA ASP D 62 -4.95 57.77 13.67
C ASP D 62 -5.79 58.57 12.67
N PRO D 63 -5.86 59.89 12.84
CA PRO D 63 -6.64 60.76 11.94
C PRO D 63 -6.46 60.56 10.43
N GLU D 64 -5.20 60.47 9.98
CA GLU D 64 -4.88 60.31 8.56
C GLU D 64 -5.23 58.95 8.00
N LEU D 65 -4.99 57.91 8.79
CA LEU D 65 -5.32 56.57 8.35
C LEU D 65 -6.83 56.41 8.31
N SER D 66 -7.49 56.90 9.34
CA SER D 66 -8.94 56.84 9.46
C SER D 66 -9.67 57.35 8.23
N LYS D 67 -9.49 58.62 7.91
CA LYS D 67 -10.17 59.22 6.75
C LYS D 67 -10.24 58.25 5.58
N GLN D 68 -9.29 57.32 5.51
CA GLN D 68 -9.21 56.34 4.43
C GLN D 68 -10.30 55.25 4.39
N PHE D 69 -11.04 55.13 5.47
CA PHE D 69 -12.07 54.12 5.61
C PHE D 69 -13.49 54.64 5.72
N SER D 70 -14.45 53.72 5.51
CA SER D 70 -15.86 54.09 5.60
C SER D 70 -16.23 54.14 7.08
N ARG D 71 -17.34 54.80 7.39
CA ARG D 71 -17.74 54.88 8.78
C ARG D 71 -17.96 53.46 9.26
N ASN D 72 -18.51 52.61 8.38
CA ASN D 72 -18.75 51.22 8.73
C ASN D 72 -17.47 50.67 9.26
N ASN D 73 -16.40 50.83 8.50
CA ASN D 73 -15.14 50.28 8.92
C ASN D 73 -14.49 50.91 10.13
N ASN D 74 -14.68 52.20 10.35
CA ASN D 74 -14.07 52.80 11.52
C ASN D 74 -14.77 52.24 12.74
N ASP D 75 -16.05 51.96 12.58
CA ASP D 75 -16.83 51.38 13.66
C ASP D 75 -16.22 50.03 14.05
N ARG D 76 -15.90 49.21 13.06
CA ARG D 76 -15.32 47.89 13.32
C ARG D 76 -13.92 48.10 13.92
N MET D 77 -13.15 48.96 13.29
CA MET D 77 -11.82 49.17 13.78
C MET D 77 -11.76 49.74 15.20
N LYS D 78 -12.78 50.50 15.60
CA LYS D 78 -12.77 51.04 16.94
C LYS D 78 -12.86 49.90 17.92
N VAL D 79 -13.30 48.74 17.45
CA VAL D 79 -13.37 47.66 18.41
C VAL D 79 -12.43 46.50 18.10
N GLY D 80 -11.34 46.80 17.43
CA GLY D 80 -10.40 45.73 17.15
C GLY D 80 -10.83 44.74 16.08
N LYS D 81 -11.89 45.03 15.34
CA LYS D 81 -12.28 44.13 14.26
C LYS D 81 -11.59 44.66 13.01
N ALA D 82 -11.15 43.76 12.15
CA ALA D 82 -10.49 44.15 10.92
C ALA D 82 -11.50 44.79 10.00
N PRO D 83 -11.03 45.69 9.10
CA PRO D 83 -11.82 46.42 8.10
C PRO D 83 -12.25 45.48 7.03
N LYS D 84 -13.40 45.77 6.41
CA LYS D 84 -13.91 44.94 5.35
C LYS D 84 -13.16 45.31 4.08
N THR D 85 -12.96 44.34 3.22
CA THR D 85 -12.24 44.65 2.00
C THR D 85 -13.18 44.79 0.82
N ARG D 86 -12.68 45.24 -0.32
CA ARG D 86 -13.51 45.34 -1.52
C ARG D 86 -13.97 43.92 -1.84
N THR D 87 -15.23 43.77 -2.25
CA THR D 87 -15.81 42.47 -2.55
C THR D 87 -15.02 41.64 -3.54
N GLN D 88 -14.32 42.28 -4.47
CA GLN D 88 -13.52 41.47 -5.37
C GLN D 88 -12.28 40.94 -4.65
N ASP D 89 -11.88 41.60 -3.56
CA ASP D 89 -10.69 41.20 -2.82
C ASP D 89 -10.97 40.12 -1.81
N VAL D 90 -12.23 39.72 -1.71
CA VAL D 90 -12.56 38.71 -0.73
C VAL D 90 -12.19 37.29 -1.12
N SER D 91 -12.53 36.36 -0.25
CA SER D 91 -12.28 34.94 -0.45
C SER D 91 -13.31 34.14 0.35
N GLY D 92 -14.44 33.84 -0.27
CA GLY D 92 -15.47 33.08 0.41
C GLY D 92 -15.95 33.94 1.55
N LYS D 93 -15.96 33.33 2.75
CA LYS D 93 -16.40 33.94 3.99
C LYS D 93 -15.29 34.77 4.67
N ARG D 94 -14.13 34.83 4.02
CA ARG D 94 -12.98 35.59 4.49
C ARG D 94 -13.16 36.94 3.80
N THR D 95 -13.60 37.92 4.56
CA THR D 95 -13.90 39.18 3.92
C THR D 95 -13.27 40.35 4.60
N SER D 96 -12.43 40.04 5.57
CA SER D 96 -11.72 41.06 6.36
C SER D 96 -10.25 41.07 6.05
N PHE D 97 -9.67 42.25 6.02
CA PHE D 97 -8.24 42.36 5.82
C PHE D 97 -7.54 41.51 6.87
N GLU D 98 -6.59 40.68 6.44
CA GLU D 98 -5.81 39.82 7.34
C GLU D 98 -4.35 40.31 7.48
N LEU D 99 -3.73 40.05 8.65
CA LEU D 99 -2.33 40.42 8.89
C LEU D 99 -1.45 39.26 8.47
N HIS D 100 -0.35 39.50 7.77
CA HIS D 100 0.51 38.39 7.36
C HIS D 100 1.90 38.41 7.98
N HIS D 101 2.51 37.25 8.12
CA HIS D 101 3.87 37.18 8.65
C HIS D 101 4.75 36.86 7.47
N GLU D 102 5.78 37.64 7.22
CA GLU D 102 6.65 37.36 6.08
C GLU D 102 7.33 36.03 6.29
N LYS D 103 7.97 35.88 7.45
CA LYS D 103 8.62 34.64 7.81
C LYS D 103 7.58 33.93 8.68
N PRO D 104 6.98 32.84 8.16
CA PRO D 104 5.96 32.06 8.87
C PRO D 104 6.29 31.83 10.34
N ILE D 105 5.25 31.76 11.17
CA ILE D 105 5.41 31.54 12.60
C ILE D 105 5.96 30.15 12.89
N SER D 106 5.62 29.20 12.03
CA SER D 106 6.08 27.83 12.21
C SER D 106 7.52 27.76 11.75
N GLN D 107 7.89 28.63 10.83
CA GLN D 107 9.24 28.69 10.34
C GLN D 107 9.98 29.70 11.19
N ASN D 108 9.48 29.89 12.40
CA ASN D 108 10.07 30.76 13.40
C ASN D 108 10.28 32.24 13.08
N GLY D 109 9.19 32.92 12.76
CA GLY D 109 9.25 34.34 12.49
C GLY D 109 8.73 35.04 13.73
N GLY D 110 8.95 36.35 13.82
CA GLY D 110 8.48 37.09 14.98
C GLY D 110 6.99 37.24 14.89
N VAL D 111 6.30 36.78 15.93
CA VAL D 111 4.86 36.88 15.96
C VAL D 111 4.47 38.34 16.11
N TYR D 112 5.30 39.11 16.80
CA TYR D 112 5.01 40.51 17.01
C TYR D 112 6.09 41.44 16.46
N ASP D 113 6.73 40.98 15.41
CA ASP D 113 7.77 41.76 14.76
C ASP D 113 7.08 42.60 13.69
N MET D 114 6.61 43.78 14.08
CA MET D 114 5.92 44.62 13.11
C MET D 114 6.63 44.75 11.77
N ASP D 115 7.91 44.46 11.71
CA ASP D 115 8.61 44.56 10.43
C ASP D 115 8.53 43.25 9.67
N ASN D 116 7.77 42.30 10.24
CA ASN D 116 7.52 40.96 9.68
C ASN D 116 6.01 40.84 9.42
N ILE D 117 5.30 41.89 9.78
CA ILE D 117 3.87 41.90 9.62
C ILE D 117 3.43 42.84 8.50
N SER D 118 2.24 42.60 7.97
CA SER D 118 1.72 43.39 6.89
C SER D 118 0.27 43.03 6.61
N VAL D 119 -0.53 44.03 6.27
CA VAL D 119 -1.94 43.88 5.93
C VAL D 119 -2.14 43.41 4.49
N VAL D 120 -2.89 42.33 4.28
CA VAL D 120 -3.15 41.81 2.95
C VAL D 120 -4.63 41.47 2.82
N THR D 121 -5.03 41.02 1.65
CA THR D 121 -6.41 40.67 1.44
C THR D 121 -6.51 39.17 1.48
N PRO D 122 -7.70 38.64 1.76
CA PRO D 122 -7.91 37.19 1.83
C PRO D 122 -7.58 36.56 0.48
N LYS D 123 -7.96 37.23 -0.60
CA LYS D 123 -7.72 36.72 -1.93
C LYS D 123 -6.22 36.64 -2.14
N ARG D 124 -5.52 37.68 -1.73
CA ARG D 124 -4.09 37.70 -1.90
C ARG D 124 -3.33 36.81 -0.94
N HIS D 125 -3.87 36.63 0.25
CA HIS D 125 -3.22 35.78 1.23
C HIS D 125 -3.22 34.29 0.80
N ILE D 126 -4.30 33.88 0.11
CA ILE D 126 -4.48 32.51 -0.38
C ILE D 126 -3.47 32.22 -1.47
N ASP D 127 -3.11 33.24 -2.25
CA ASP D 127 -2.13 33.00 -3.29
C ASP D 127 -0.73 33.00 -2.67
N ILE D 128 -0.49 33.84 -1.67
CA ILE D 128 0.82 33.88 -1.01
C ILE D 128 1.09 32.49 -0.43
N HIS D 129 0.15 31.97 0.34
CA HIS D 129 0.32 30.65 0.95
C HIS D 129 0.46 29.48 -0.03
N ARG D 130 0.50 29.75 -1.33
CA ARG D 130 0.69 28.69 -2.32
C ARG D 130 1.51 29.17 -3.53
N GLY D 131 2.72 29.63 -3.25
CA GLY D 131 3.63 30.08 -4.29
C GLY D 131 3.17 31.25 -5.15
N LYS D 132 2.28 32.07 -4.59
CA LYS D 132 1.76 33.24 -5.29
C LYS D 132 1.16 32.86 -6.66
#